data_4G2F
#
_entry.id   4G2F
#
_cell.length_a   53.068
_cell.length_b   38.242
_cell.length_c   75.841
_cell.angle_alpha   90.00
_cell.angle_beta   101.59
_cell.angle_gamma   90.00
#
_symmetry.space_group_name_H-M   'P 1 21 1'
#
loop_
_entity.id
_entity.type
_entity.pdbx_description
1 polymer 'EPH receptor A3'
2 non-polymer 1-amino-5-(5-hydroxy-2-methylphenyl)-7,8,9,10-tetrahydropyrimido[4,5-c]isoquinolin-6(5H)-one
3 water water
#
_entity_poly.entity_id   1
_entity_poly.type   'polypeptide(L)'
_entity_poly.pdbx_seq_one_letter_code
;MGSSHHHHHHSSGLVPRGSTQTVHEFAKELDATNISIDKVVGAGEFGEVCSGRLKLPSKKEISVAIKTLKVGYTEKQRRD
FLGEASIMGQFDHPNIIRLEGVVTKSKPVMIVTEYMENGSLDSFLRKHDAQFTVIQLVGMLRGIASGMKYLSDMGYVHRD
LAARNILINSNLVCKVSDFGLSRVLEDDPEAAYTTRGGKIPIRWTSPEAIAYRKFTSASDVWSYGIVLWEVMSYGERPYW
EMSNQDVIKAVDEGYRLPPPMDCPAALYQLMLDCWQKDRNNRPKFEQIVSILDKLIRNPGSLKIITSAAARPSNLLLDQS
NVDITTFRTTGDWLNGVWTAHCKEIFTGVEYSSCDTIAKIS
;
_entity_poly.pdbx_strand_id   A
#
# COMPACT_ATOMS: atom_id res chain seq x y z
N VAL A 23 10.77 -7.84 18.73
CA VAL A 23 10.58 -6.48 18.23
C VAL A 23 11.91 -5.74 18.19
N HIS A 24 12.65 -5.82 19.29
CA HIS A 24 13.88 -5.05 19.43
C HIS A 24 15.03 -5.62 18.60
N GLU A 25 14.77 -6.77 17.97
CA GLU A 25 15.70 -7.29 16.98
C GLU A 25 15.71 -6.38 15.76
N PHE A 26 14.54 -5.83 15.43
CA PHE A 26 14.37 -5.06 14.20
C PHE A 26 13.96 -3.60 14.41
N ALA A 27 13.62 -3.24 15.65
CA ALA A 27 13.14 -1.88 15.94
C ALA A 27 13.92 -1.26 17.09
N LYS A 28 14.41 -0.04 16.89
CA LYS A 28 15.08 0.68 17.96
C LYS A 28 14.07 1.05 19.02
N GLU A 29 14.46 0.96 20.28
CA GLU A 29 13.64 1.53 21.35
C GLU A 29 13.94 3.02 21.39
N LEU A 30 12.89 3.84 21.27
CA LEU A 30 13.09 5.29 21.31
C LEU A 30 12.81 5.82 22.71
N ASP A 31 13.49 6.90 23.07
CA ASP A 31 13.25 7.56 24.34
C ASP A 31 12.10 8.55 24.16
N ALA A 32 11.06 8.42 24.99
CA ALA A 32 9.86 9.26 24.86
C ALA A 32 10.14 10.76 25.03
N THR A 33 11.28 11.08 25.65
CA THR A 33 11.68 12.48 25.81
C THR A 33 12.04 13.11 24.46
N ASN A 34 12.36 12.26 23.48
CA ASN A 34 12.73 12.73 22.14
C ASN A 34 11.54 12.85 21.19
N ILE A 35 10.35 12.57 21.71
CA ILE A 35 9.14 12.60 20.89
C ILE A 35 8.18 13.69 21.37
N SER A 36 7.74 14.56 20.45
CA SER A 36 6.67 15.50 20.78
C SER A 36 5.43 15.11 20.00
N ILE A 37 4.28 15.28 20.63
CA ILE A 37 3.00 14.97 19.99
C ILE A 37 2.38 16.28 19.57
N ASP A 38 2.05 16.41 18.29
CA ASP A 38 1.48 17.65 17.82
C ASP A 38 -0.05 17.54 17.76
N LYS A 39 -0.57 16.50 17.14
CA LYS A 39 -2.02 16.31 17.07
C LYS A 39 -2.46 14.87 16.78
N VAL A 40 -3.70 14.56 17.16
CA VAL A 40 -4.36 13.32 16.77
C VAL A 40 -4.83 13.44 15.32
N VAL A 41 -4.49 12.44 14.52
CA VAL A 41 -4.55 12.57 13.06
C VAL A 41 -5.40 11.48 12.40
N GLY A 42 -5.71 10.43 13.16
CA GLY A 42 -6.55 9.36 12.67
C GLY A 42 -6.83 8.33 13.74
N ALA A 43 -7.67 7.34 13.42
CA ALA A 43 -7.97 6.26 14.35
C ALA A 43 -7.50 4.95 13.75
N GLY A 44 -6.47 4.37 14.35
CA GLY A 44 -5.93 3.11 13.88
C GLY A 44 -6.69 1.93 14.44
N GLU A 45 -6.30 0.72 14.04
CA GLU A 45 -6.92 -0.50 14.54
C GLU A 45 -6.75 -0.65 16.06
N PHE A 46 -5.61 -0.20 16.57
CA PHE A 46 -5.24 -0.47 17.96
C PHE A 46 -5.23 0.76 18.85
N GLY A 47 -5.57 1.91 18.29
CA GLY A 47 -5.51 3.16 19.02
C GLY A 47 -5.32 4.29 18.04
N GLU A 48 -5.31 5.53 18.53
CA GLU A 48 -5.26 6.69 17.64
C GLU A 48 -3.89 6.83 16.97
N VAL A 49 -3.89 7.51 15.84
CA VAL A 49 -2.65 7.86 15.16
C VAL A 49 -2.42 9.35 15.31
N CYS A 50 -1.20 9.73 15.67
CA CYS A 50 -0.86 11.13 15.87
C CYS A 50 0.21 11.58 14.89
N SER A 51 0.41 12.89 14.80
CA SER A 51 1.56 13.41 14.08
C SER A 51 2.41 14.13 15.10
N GLY A 52 3.72 14.20 14.84
CA GLY A 52 4.59 14.83 15.81
C GLY A 52 6.00 14.98 15.29
N ARG A 53 6.95 15.05 16.23
CA ARG A 53 8.35 15.24 15.88
CA ARG A 53 8.35 15.28 15.92
C ARG A 53 9.22 14.27 16.65
N LEU A 54 10.32 13.85 16.03
CA LEU A 54 11.26 12.97 16.69
C LEU A 54 12.66 13.61 16.62
N LYS A 55 13.32 13.74 17.77
CA LYS A 55 14.70 14.20 17.78
C LYS A 55 15.62 12.97 17.73
N LEU A 56 16.42 12.91 16.67
CA LEU A 56 17.31 11.77 16.45
C LEU A 56 18.56 11.93 17.33
N PRO A 57 19.36 10.86 17.48
CA PRO A 57 20.56 10.97 18.31
C PRO A 57 21.52 12.05 17.82
N SER A 58 21.56 12.29 16.51
CA SER A 58 22.38 13.36 15.92
C SER A 58 21.84 14.76 16.18
N LYS A 59 20.72 14.85 16.90
CA LYS A 59 19.99 16.11 17.19
C LYS A 59 19.07 16.60 16.06
N LYS A 60 19.17 15.99 14.88
CA LYS A 60 18.25 16.35 13.79
C LYS A 60 16.82 16.05 14.21
N GLU A 61 15.89 16.94 13.85
CA GLU A 61 14.48 16.75 14.18
C GLU A 61 13.70 16.47 12.90
N ILE A 62 12.90 15.40 12.92
CA ILE A 62 12.10 15.05 11.75
C ILE A 62 10.63 14.93 12.12
N SER A 63 9.76 15.13 11.13
CA SER A 63 8.33 14.89 11.30
C SER A 63 8.08 13.39 11.31
N VAL A 64 7.19 12.96 12.19
CA VAL A 64 6.86 11.55 12.28
C VAL A 64 5.37 11.33 12.43
N ALA A 65 4.93 10.12 12.06
CA ALA A 65 3.60 9.67 12.39
C ALA A 65 3.73 8.74 13.57
N ILE A 66 2.74 8.77 14.45
CA ILE A 66 2.86 8.04 15.71
C ILE A 66 1.60 7.21 15.97
N LYS A 67 1.72 5.89 15.87
CA LYS A 67 0.62 4.99 16.17
C LYS A 67 0.67 4.71 17.67
N THR A 68 -0.44 4.93 18.38
CA THR A 68 -0.47 4.60 19.80
C THR A 68 -1.32 3.37 20.08
N LEU A 69 -0.95 2.62 21.12
CA LEU A 69 -1.74 1.47 21.54
C LEU A 69 -2.72 1.92 22.61
N LYS A 70 -4.00 1.64 22.40
CA LYS A 70 -5.05 2.15 23.29
C LYS A 70 -4.84 1.74 24.76
N VAL A 71 -5.21 2.64 25.67
CA VAL A 71 -5.10 2.36 27.09
C VAL A 71 -5.98 1.14 27.43
N GLY A 72 -5.49 0.25 28.30
CA GLY A 72 -6.28 -0.90 28.69
C GLY A 72 -6.21 -2.05 27.70
N TYR A 73 -5.18 -2.03 26.86
CA TYR A 73 -4.93 -3.08 25.88
C TYR A 73 -4.70 -4.44 26.53
N THR A 74 -5.00 -5.50 25.79
CA THR A 74 -4.68 -6.86 26.23
C THR A 74 -3.27 -7.24 25.81
N GLU A 75 -2.74 -8.30 26.42
CA GLU A 75 -1.46 -8.88 26.06
C GLU A 75 -1.45 -9.19 24.55
N LYS A 76 -2.58 -9.68 24.07
CA LYS A 76 -2.74 -10.07 22.67
C LYS A 76 -2.69 -8.87 21.73
N GLN A 77 -3.45 -7.82 22.06
CA GLN A 77 -3.46 -6.60 21.27
C GLN A 77 -2.07 -6.01 21.17
N ARG A 78 -1.33 -6.07 22.28
CA ARG A 78 0.01 -5.53 22.33
C ARG A 78 0.94 -6.28 21.39
N ARG A 79 0.82 -7.60 21.38
CA ARG A 79 1.66 -8.43 20.51
C ARG A 79 1.37 -8.17 19.03
N ASP A 80 0.09 -8.09 18.68
CA ASP A 80 -0.29 -7.88 17.29
C ASP A 80 0.06 -6.46 16.84
N PHE A 81 -0.10 -5.50 17.75
CA PHE A 81 0.28 -4.11 17.47
C PHE A 81 1.76 -4.03 17.13
N LEU A 82 2.61 -4.53 18.04
CA LEU A 82 4.05 -4.45 17.85
C LEU A 82 4.54 -5.39 16.76
N GLY A 83 3.72 -6.39 16.43
CA GLY A 83 4.05 -7.33 15.38
C GLY A 83 4.32 -6.62 14.07
N GLU A 84 3.50 -5.61 13.78
CA GLU A 84 3.71 -4.82 12.57
C GLU A 84 5.10 -4.15 12.55
N ALA A 85 5.54 -3.64 13.69
CA ALA A 85 6.84 -2.97 13.73
C ALA A 85 7.97 -3.97 13.49
N SER A 86 7.79 -5.19 13.97
CA SER A 86 8.79 -6.23 13.74
C SER A 86 8.95 -6.48 12.24
N ILE A 87 7.84 -6.43 11.52
CA ILE A 87 7.86 -6.64 10.07
C ILE A 87 8.42 -5.40 9.36
N MET A 88 7.87 -4.23 9.67
CA MET A 88 8.29 -2.98 9.03
C MET A 88 9.77 -2.76 9.20
N GLY A 89 10.28 -3.09 10.39
CA GLY A 89 11.65 -2.85 10.74
C GLY A 89 12.65 -3.64 9.92
N GLN A 90 12.17 -4.68 9.24
CA GLN A 90 13.05 -5.50 8.41
C GLN A 90 13.29 -4.89 7.04
N PHE A 91 12.48 -3.89 6.69
CA PHE A 91 12.57 -3.28 5.38
C PHE A 91 13.25 -1.90 5.46
N ASP A 92 14.12 -1.62 4.51
CA ASP A 92 14.74 -0.30 4.37
C ASP A 92 14.75 0.03 2.89
N HIS A 93 13.75 0.77 2.44
CA HIS A 93 13.56 1.01 1.01
C HIS A 93 12.80 2.32 0.85
N PRO A 94 13.12 3.08 -0.20
CA PRO A 94 12.47 4.40 -0.33
C PRO A 94 10.97 4.32 -0.58
N ASN A 95 10.46 3.15 -0.97
CA ASN A 95 9.02 3.05 -1.21
C ASN A 95 8.29 2.14 -0.21
N ILE A 96 8.90 1.95 0.95
CA ILE A 96 8.28 1.25 2.05
C ILE A 96 8.35 2.17 3.26
N ILE A 97 7.23 2.34 3.96
CA ILE A 97 7.20 3.26 5.11
C ILE A 97 8.31 2.89 6.07
N ARG A 98 9.09 3.90 6.45
CA ARG A 98 10.26 3.72 7.30
C ARG A 98 9.85 3.71 8.77
N LEU A 99 10.32 2.69 9.50
CA LEU A 99 10.12 2.62 10.93
C LEU A 99 11.24 3.37 11.64
N GLU A 100 10.89 4.39 12.40
CA GLU A 100 11.89 5.10 13.19
C GLU A 100 12.18 4.37 14.49
N GLY A 101 11.16 3.71 15.03
CA GLY A 101 11.37 2.92 16.23
C GLY A 101 10.09 2.72 17.02
N VAL A 102 10.22 2.15 18.21
CA VAL A 102 9.06 1.90 19.04
C VAL A 102 9.29 2.43 20.45
N VAL A 103 8.21 2.68 21.17
CA VAL A 103 8.31 3.00 22.60
C VAL A 103 7.52 1.94 23.34
N THR A 104 8.23 1.12 24.11
CA THR A 104 7.58 0.03 24.85
C THR A 104 7.82 0.13 26.36
N LYS A 105 8.90 0.81 26.74
CA LYS A 105 9.30 0.88 28.14
C LYS A 105 8.54 1.94 28.94
N SER A 106 7.77 2.76 28.23
CA SER A 106 6.83 3.69 28.86
C SER A 106 5.50 3.62 28.10
N LYS A 107 4.47 4.25 28.64
CA LYS A 107 3.13 4.19 28.06
C LYS A 107 2.68 5.59 27.67
N PRO A 108 1.84 5.72 26.62
CA PRO A 108 1.36 4.63 25.75
C PRO A 108 2.46 4.02 24.88
N VAL A 109 2.30 2.74 24.57
CA VAL A 109 3.17 2.05 23.64
C VAL A 109 3.00 2.68 22.27
N MET A 110 4.10 2.91 21.55
CA MET A 110 4.04 3.64 20.28
C MET A 110 4.84 2.97 19.18
N ILE A 111 4.36 3.14 17.95
CA ILE A 111 5.16 2.84 16.76
C ILE A 111 5.35 4.17 16.02
N VAL A 112 6.60 4.52 15.75
CA VAL A 112 6.91 5.83 15.17
C VAL A 112 7.47 5.62 13.76
N THR A 113 6.81 6.23 12.77
CA THR A 113 7.20 6.06 11.39
C THR A 113 7.43 7.40 10.71
N GLU A 114 7.99 7.38 9.51
CA GLU A 114 8.15 8.62 8.78
C GLU A 114 6.76 9.21 8.50
N TYR A 115 6.70 10.53 8.44
CA TYR A 115 5.47 11.26 8.24
C TYR A 115 5.20 11.39 6.75
N MET A 116 3.95 11.13 6.36
CA MET A 116 3.54 11.23 4.97
C MET A 116 2.43 12.26 4.89
N GLU A 117 2.77 13.45 4.37
CA GLU A 117 1.91 14.61 4.52
C GLU A 117 0.55 14.46 3.83
N ASN A 118 0.52 13.71 2.73
CA ASN A 118 -0.71 13.65 1.95
C ASN A 118 -1.58 12.43 2.24
N GLY A 119 -1.22 11.68 3.27
CA GLY A 119 -2.09 10.64 3.79
C GLY A 119 -2.24 9.41 2.91
N SER A 120 -3.39 8.74 3.02
N SER A 120 -3.38 8.73 3.03
CA SER A 120 -3.66 7.56 2.25
CA SER A 120 -3.61 7.52 2.25
C SER A 120 -3.86 7.92 0.79
C SER A 120 -3.90 7.87 0.81
N LEU A 121 -3.38 7.07 -0.11
CA LEU A 121 -3.46 7.38 -1.53
C LEU A 121 -4.87 7.46 -2.08
N ASP A 122 -5.77 6.57 -1.64
CA ASP A 122 -7.12 6.59 -2.20
C ASP A 122 -7.84 7.87 -1.80
N SER A 123 -7.77 8.25 -0.53
CA SER A 123 -8.43 9.49 -0.12
C SER A 123 -7.77 10.72 -0.75
N PHE A 124 -6.46 10.68 -0.95
CA PHE A 124 -5.77 11.81 -1.59
C PHE A 124 -6.27 11.98 -3.03
N LEU A 125 -6.32 10.89 -3.77
CA LEU A 125 -6.73 10.97 -5.17
C LEU A 125 -8.17 11.41 -5.33
N ARG A 126 -9.02 11.01 -4.38
CA ARG A 126 -10.44 11.42 -4.46
C ARG A 126 -10.60 12.92 -4.35
N LYS A 127 -9.66 13.59 -3.69
CA LYS A 127 -9.73 15.05 -3.57
C LYS A 127 -9.27 15.73 -4.85
N HIS A 128 -8.71 14.98 -5.79
CA HIS A 128 -8.06 15.59 -6.94
C HIS A 128 -8.43 14.93 -8.25
N ASP A 129 -9.71 14.56 -8.36
CA ASP A 129 -10.19 13.84 -9.53
C ASP A 129 -9.83 14.54 -10.84
N ALA A 130 -9.11 13.81 -11.70
CA ALA A 130 -8.69 14.28 -13.02
C ALA A 130 -7.70 15.46 -12.98
N GLN A 131 -7.06 15.69 -11.84
CA GLN A 131 -6.17 16.86 -11.69
C GLN A 131 -4.69 16.60 -11.91
N PHE A 132 -4.28 15.33 -12.02
CA PHE A 132 -2.87 15.02 -12.26
C PHE A 132 -2.61 14.56 -13.71
N THR A 133 -1.37 14.69 -14.17
CA THR A 133 -1.00 14.21 -15.50
C THR A 133 -0.81 12.70 -15.47
N VAL A 134 -0.85 12.07 -16.63
CA VAL A 134 -0.62 10.62 -16.71
C VAL A 134 0.77 10.28 -16.17
N ILE A 135 1.76 11.12 -16.48
CA ILE A 135 3.13 10.86 -16.02
C ILE A 135 3.23 10.96 -14.50
N GLN A 136 2.49 11.88 -13.89
CA GLN A 136 2.48 11.98 -12.43
C GLN A 136 1.89 10.71 -11.82
N LEU A 137 0.79 10.25 -12.38
CA LEU A 137 0.16 9.00 -11.90
C LEU A 137 1.11 7.83 -12.09
N VAL A 138 1.82 7.78 -13.23
CA VAL A 138 2.76 6.69 -13.46
C VAL A 138 3.90 6.71 -12.44
N GLY A 139 4.35 7.90 -12.08
CA GLY A 139 5.37 8.03 -11.04
C GLY A 139 4.91 7.42 -9.73
N MET A 140 3.65 7.66 -9.36
CA MET A 140 3.10 7.09 -8.13
C MET A 140 3.11 5.57 -8.24
N LEU A 141 2.62 5.08 -9.37
CA LEU A 141 2.52 3.65 -9.60
C LEU A 141 3.87 2.95 -9.60
N ARG A 142 4.88 3.62 -10.16
CA ARG A 142 6.23 3.06 -10.20
C ARG A 142 6.80 2.92 -8.80
N GLY A 143 6.54 3.90 -7.95
CA GLY A 143 7.01 3.83 -6.58
C GLY A 143 6.41 2.63 -5.86
N ILE A 144 5.10 2.45 -6.00
CA ILE A 144 4.42 1.34 -5.33
C ILE A 144 5.00 0.02 -5.84
N ALA A 145 5.19 -0.10 -7.16
CA ALA A 145 5.76 -1.32 -7.73
C ALA A 145 7.16 -1.61 -7.21
N SER A 146 7.95 -0.56 -7.04
CA SER A 146 9.32 -0.73 -6.56
CA SER A 146 9.31 -0.75 -6.57
C SER A 146 9.34 -1.23 -5.12
N GLY A 147 8.45 -0.67 -4.30
CA GLY A 147 8.32 -1.11 -2.92
C GLY A 147 7.91 -2.57 -2.88
N MET A 148 6.96 -2.95 -3.73
CA MET A 148 6.51 -4.35 -3.73
C MET A 148 7.55 -5.30 -4.28
N LYS A 149 8.38 -4.83 -5.20
CA LYS A 149 9.49 -5.66 -5.70
C LYS A 149 10.41 -5.99 -4.54
N TYR A 150 10.71 -5.00 -3.71
CA TYR A 150 11.58 -5.23 -2.55
C TYR A 150 10.92 -6.17 -1.54
N LEU A 151 9.63 -5.94 -1.27
CA LEU A 151 8.89 -6.77 -0.30
C LEU A 151 8.91 -8.23 -0.74
N SER A 152 8.64 -8.46 -2.02
CA SER A 152 8.57 -9.82 -2.55
C SER A 152 9.96 -10.45 -2.57
N ASP A 153 10.98 -9.63 -2.85
CA ASP A 153 12.37 -10.09 -2.78
C ASP A 153 12.74 -10.60 -1.38
N MET A 154 12.07 -10.09 -0.35
CA MET A 154 12.40 -10.49 1.02
CA MET A 154 12.33 -10.45 1.06
C MET A 154 11.56 -11.67 1.51
N GLY A 155 10.69 -12.19 0.65
CA GLY A 155 9.85 -13.32 1.00
C GLY A 155 8.56 -13.00 1.73
N TYR A 156 8.13 -11.74 1.68
CA TYR A 156 6.90 -11.36 2.34
C TYR A 156 5.79 -11.19 1.33
N VAL A 157 4.62 -11.72 1.65
CA VAL A 157 3.41 -11.47 0.89
C VAL A 157 2.57 -10.53 1.74
N HIS A 158 2.17 -9.41 1.16
CA HIS A 158 1.52 -8.35 1.91
C HIS A 158 0.08 -8.72 2.27
N ARG A 159 -0.64 -9.24 1.28
CA ARG A 159 -2.03 -9.73 1.39
CA ARG A 159 -2.03 -9.73 1.42
C ARG A 159 -3.09 -8.65 1.55
N ASP A 160 -2.67 -7.40 1.70
CA ASP A 160 -3.64 -6.32 1.88
C ASP A 160 -3.22 -5.12 1.05
N LEU A 161 -2.70 -5.37 -0.15
CA LEU A 161 -2.22 -4.28 -1.00
C LEU A 161 -3.42 -3.60 -1.65
N ALA A 162 -3.62 -2.33 -1.29
CA ALA A 162 -4.82 -1.58 -1.65
C ALA A 162 -4.40 -0.13 -1.56
N ALA A 163 -5.06 0.74 -2.31
CA ALA A 163 -4.68 2.15 -2.32
C ALA A 163 -4.80 2.77 -0.94
N ARG A 164 -5.72 2.27 -0.13
CA ARG A 164 -5.90 2.83 1.23
C ARG A 164 -4.69 2.51 2.11
N ASN A 165 -3.91 1.52 1.71
CA ASN A 165 -2.73 1.14 2.47
C ASN A 165 -1.42 1.64 1.87
N ILE A 166 -1.54 2.55 0.90
CA ILE A 166 -0.38 3.23 0.34
C ILE A 166 -0.43 4.66 0.84
N LEU A 167 0.69 5.17 1.33
CA LEU A 167 0.73 6.54 1.82
C LEU A 167 1.50 7.40 0.84
N ILE A 168 1.19 8.69 0.78
CA ILE A 168 1.82 9.53 -0.21
C ILE A 168 2.32 10.80 0.48
N ASN A 169 3.56 11.20 0.18
CA ASN A 169 4.16 12.34 0.87
C ASN A 169 4.01 13.68 0.14
N SER A 170 4.68 14.72 0.64
CA SER A 170 4.50 16.05 0.08
C SER A 170 4.99 16.15 -1.37
N ASN A 171 5.90 15.24 -1.75
CA ASN A 171 6.45 15.25 -3.11
C ASN A 171 5.80 14.19 -4.00
N LEU A 172 4.68 13.64 -3.54
CA LEU A 172 3.89 12.61 -4.26
C LEU A 172 4.56 11.25 -4.33
N VAL A 173 5.61 11.04 -3.54
CA VAL A 173 6.23 9.72 -3.48
C VAL A 173 5.30 8.79 -2.72
N CYS A 174 5.03 7.62 -3.28
CA CYS A 174 4.12 6.64 -2.67
C CYS A 174 4.87 5.49 -2.01
N LYS A 175 4.39 5.06 -0.84
CA LYS A 175 5.09 4.03 -0.07
C LYS A 175 4.13 3.03 0.51
N VAL A 176 4.54 1.77 0.51
CA VAL A 176 3.70 0.71 1.01
C VAL A 176 3.65 0.76 2.54
N SER A 177 2.44 0.61 3.08
CA SER A 177 2.21 0.65 4.52
C SER A 177 1.36 -0.53 4.97
N ASP A 178 0.99 -0.54 6.25
CA ASP A 178 0.06 -1.52 6.82
C ASP A 178 0.55 -2.95 6.69
N PHE A 179 1.45 -3.33 7.57
CA PHE A 179 2.00 -4.68 7.52
C PHE A 179 1.31 -5.57 8.56
N GLY A 180 0.02 -5.28 8.81
CA GLY A 180 -0.78 -6.03 9.76
C GLY A 180 -1.20 -7.42 9.30
N LEU A 181 -1.43 -7.56 7.99
CA LEU A 181 -1.84 -8.85 7.43
C LEU A 181 -0.67 -9.56 6.76
N SER A 182 0.50 -8.94 6.78
CA SER A 182 1.68 -9.45 6.07
C SER A 182 2.15 -10.78 6.67
N ARG A 183 2.65 -11.69 5.81
CA ARG A 183 3.16 -12.99 6.25
C ARG A 183 4.44 -13.40 5.52
N VAL A 184 5.36 -14.05 6.23
CA VAL A 184 6.46 -14.73 5.57
C VAL A 184 5.88 -15.90 4.77
N LEU A 185 6.41 -16.14 3.57
CA LEU A 185 6.03 -17.32 2.79
C LEU A 185 6.62 -18.57 3.41
N PRO A 201 -9.62 -8.88 2.49
CA PRO A 201 -10.26 -7.84 1.68
C PRO A 201 -10.58 -8.37 0.28
N ILE A 202 -11.82 -8.81 0.07
CA ILE A 202 -12.19 -9.53 -1.15
C ILE A 202 -11.89 -8.79 -2.44
N ARG A 203 -12.16 -7.48 -2.47
CA ARG A 203 -12.04 -6.69 -3.68
C ARG A 203 -10.62 -6.62 -4.20
N TRP A 204 -9.65 -6.83 -3.29
CA TRP A 204 -8.24 -6.71 -3.63
C TRP A 204 -7.54 -8.05 -3.76
N THR A 205 -8.26 -9.13 -3.47
CA THR A 205 -7.64 -10.46 -3.35
C THR A 205 -7.77 -11.29 -4.63
N SER A 206 -6.71 -12.01 -5.00
CA SER A 206 -6.76 -12.82 -6.22
C SER A 206 -7.77 -13.95 -6.05
N PRO A 207 -8.32 -14.46 -7.17
CA PRO A 207 -9.31 -15.54 -7.14
C PRO A 207 -8.80 -16.75 -6.37
N GLU A 208 -7.55 -17.13 -6.60
CA GLU A 208 -7.03 -18.33 -5.95
C GLU A 208 -6.83 -18.13 -4.44
N ALA A 209 -6.53 -16.91 -4.02
CA ALA A 209 -6.39 -16.65 -2.58
C ALA A 209 -7.77 -16.64 -1.93
N ILE A 210 -8.77 -16.15 -2.64
CA ILE A 210 -10.14 -16.23 -2.14
C ILE A 210 -10.61 -17.69 -2.09
N ALA A 211 -10.24 -18.47 -3.11
CA ALA A 211 -10.76 -19.83 -3.26
C ALA A 211 -10.24 -20.77 -2.19
N TYR A 212 -8.93 -20.71 -1.93
CA TYR A 212 -8.33 -21.66 -0.99
C TYR A 212 -7.07 -21.12 -0.34
N ARG A 213 -7.06 -19.82 -0.09
CA ARG A 213 -5.97 -19.18 0.66
C ARG A 213 -4.60 -19.39 0.05
N LYS A 214 -4.54 -19.48 -1.28
CA LYS A 214 -3.25 -19.55 -1.97
C LYS A 214 -2.65 -18.15 -2.14
N PHE A 215 -1.92 -17.70 -1.13
CA PHE A 215 -1.27 -16.38 -1.16
C PHE A 215 0.19 -16.54 -1.59
N THR A 216 0.59 -15.85 -2.66
CA THR A 216 1.96 -15.89 -3.16
C THR A 216 2.29 -14.46 -3.60
N SER A 217 3.51 -14.21 -4.06
CA SER A 217 3.79 -12.87 -4.58
C SER A 217 2.90 -12.57 -5.80
N ALA A 218 2.50 -13.62 -6.51
CA ALA A 218 1.60 -13.45 -7.65
C ALA A 218 0.21 -13.02 -7.23
N SER A 219 -0.22 -13.32 -6.00
CA SER A 219 -1.51 -12.80 -5.56
C SER A 219 -1.36 -11.33 -5.17
N ASP A 220 -0.18 -10.95 -4.69
CA ASP A 220 0.10 -9.53 -4.47
C ASP A 220 0.11 -8.78 -5.82
N VAL A 221 0.61 -9.42 -6.87
CA VAL A 221 0.58 -8.79 -8.19
C VAL A 221 -0.86 -8.56 -8.66
N TRP A 222 -1.75 -9.50 -8.36
CA TRP A 222 -3.17 -9.28 -8.63
C TRP A 222 -3.65 -8.02 -7.92
N SER A 223 -3.34 -7.93 -6.63
CA SER A 223 -3.75 -6.76 -5.85
C SER A 223 -3.16 -5.48 -6.45
N TYR A 224 -1.92 -5.58 -6.93
CA TYR A 224 -1.28 -4.41 -7.54
C TYR A 224 -2.09 -3.94 -8.74
N GLY A 225 -2.64 -4.89 -9.51
CA GLY A 225 -3.46 -4.54 -10.64
C GLY A 225 -4.70 -3.77 -10.18
N ILE A 226 -5.25 -4.16 -9.04
CA ILE A 226 -6.39 -3.42 -8.51
C ILE A 226 -5.98 -2.01 -8.09
N VAL A 227 -4.82 -1.88 -7.44
CA VAL A 227 -4.31 -0.56 -7.06
C VAL A 227 -4.10 0.33 -8.29
N LEU A 228 -3.57 -0.27 -9.35
CA LEU A 228 -3.40 0.43 -10.62
C LEU A 228 -4.75 0.96 -11.12
N TRP A 229 -5.79 0.13 -11.04
CA TRP A 229 -7.12 0.60 -11.39
C TRP A 229 -7.59 1.73 -10.46
N GLU A 230 -7.33 1.58 -9.16
CA GLU A 230 -7.72 2.63 -8.21
C GLU A 230 -7.03 3.95 -8.52
N VAL A 231 -5.74 3.90 -8.85
CA VAL A 231 -5.00 5.12 -9.15
C VAL A 231 -5.54 5.78 -10.41
N MET A 232 -5.71 5.01 -11.48
CA MET A 232 -6.20 5.58 -12.72
C MET A 232 -7.67 6.03 -12.64
N SER A 233 -8.39 5.55 -11.62
CA SER A 233 -9.78 5.94 -11.36
C SER A 233 -9.91 7.01 -10.29
N TYR A 234 -8.77 7.55 -9.85
CA TYR A 234 -8.73 8.56 -8.80
C TYR A 234 -9.50 8.14 -7.55
N GLY A 235 -9.27 6.90 -7.12
CA GLY A 235 -9.75 6.46 -5.82
C GLY A 235 -11.17 5.94 -5.81
N GLU A 236 -11.69 5.61 -6.98
CA GLU A 236 -12.95 4.90 -7.06
C GLU A 236 -12.80 3.55 -6.36
N ARG A 237 -13.88 3.08 -5.73
CA ARG A 237 -13.84 1.79 -5.05
C ARG A 237 -13.91 0.65 -6.05
N PRO A 238 -12.96 -0.30 -5.97
CA PRO A 238 -12.98 -1.43 -6.91
C PRO A 238 -14.29 -2.19 -6.79
N TYR A 239 -14.94 -2.45 -7.93
CA TYR A 239 -16.22 -3.15 -7.99
C TYR A 239 -17.33 -2.39 -7.26
N TRP A 240 -17.07 -1.11 -6.96
CA TRP A 240 -18.06 -0.25 -6.36
C TRP A 240 -18.71 -0.92 -5.15
N GLU A 241 -20.03 -0.98 -5.09
CA GLU A 241 -20.69 -1.61 -3.94
C GLU A 241 -21.31 -2.97 -4.27
N MET A 242 -20.80 -3.64 -5.30
CA MET A 242 -21.26 -4.99 -5.63
C MET A 242 -21.22 -5.90 -4.39
N SER A 243 -22.19 -6.81 -4.27
CA SER A 243 -22.16 -7.74 -3.15
C SER A 243 -20.90 -8.58 -3.31
N ASN A 244 -20.28 -8.96 -2.19
CA ASN A 244 -19.03 -9.72 -2.25
C ASN A 244 -19.13 -11.03 -3.04
N GLN A 245 -20.26 -11.73 -2.92
CA GLN A 245 -20.40 -13.00 -3.63
C GLN A 245 -20.44 -12.77 -5.14
N ASP A 246 -20.93 -11.61 -5.56
CA ASP A 246 -20.94 -11.27 -6.96
C ASP A 246 -19.54 -10.85 -7.45
N VAL A 247 -18.79 -10.16 -6.62
CA VAL A 247 -17.40 -9.85 -6.96
C VAL A 247 -16.64 -11.14 -7.15
N ILE A 248 -16.82 -12.06 -6.21
CA ILE A 248 -16.17 -13.36 -6.25
C ILE A 248 -16.59 -14.15 -7.50
N LYS A 249 -17.90 -14.22 -7.77
CA LYS A 249 -18.37 -15.01 -8.90
C LYS A 249 -18.01 -14.39 -10.25
N ALA A 250 -18.15 -13.07 -10.38
CA ALA A 250 -17.87 -12.39 -11.63
C ALA A 250 -16.41 -12.53 -12.06
N VAL A 251 -15.51 -12.30 -11.12
CA VAL A 251 -14.09 -12.38 -11.40
C VAL A 251 -13.73 -13.81 -11.78
N ASP A 252 -14.29 -14.78 -11.05
CA ASP A 252 -14.08 -16.18 -11.39
C ASP A 252 -14.58 -16.52 -12.81
N GLU A 253 -15.69 -15.92 -13.25
CA GLU A 253 -16.23 -16.16 -14.59
C GLU A 253 -15.43 -15.46 -15.70
N GLY A 254 -14.48 -14.61 -15.31
CA GLY A 254 -13.63 -13.98 -16.30
C GLY A 254 -13.85 -12.49 -16.46
N TYR A 255 -14.82 -11.94 -15.72
CA TYR A 255 -15.11 -10.50 -15.82
C TYR A 255 -14.03 -9.68 -15.14
N ARG A 256 -13.77 -8.49 -15.68
CA ARG A 256 -12.75 -7.62 -15.11
C ARG A 256 -13.26 -6.19 -15.02
N LEU A 257 -12.66 -5.41 -14.12
CA LEU A 257 -12.96 -3.98 -14.02
C LEU A 257 -12.71 -3.32 -15.38
N PRO A 258 -13.59 -2.39 -15.78
CA PRO A 258 -13.48 -1.71 -17.07
C PRO A 258 -12.39 -0.65 -17.03
N PRO A 259 -11.93 -0.21 -18.22
CA PRO A 259 -10.91 0.84 -18.24
C PRO A 259 -11.42 2.14 -17.62
N PRO A 260 -10.63 2.72 -16.72
CA PRO A 260 -11.03 4.00 -16.14
C PRO A 260 -11.10 5.06 -17.23
N MET A 261 -11.85 6.13 -17.00
CA MET A 261 -11.98 7.21 -17.97
C MET A 261 -10.61 7.73 -18.42
N ASP A 262 -10.40 7.76 -19.74
CA ASP A 262 -9.18 8.28 -20.36
C ASP A 262 -7.92 7.50 -19.98
N CYS A 263 -8.08 6.24 -19.61
CA CYS A 263 -6.93 5.41 -19.24
C CYS A 263 -6.13 5.00 -20.49
N PRO A 264 -4.82 5.28 -20.49
CA PRO A 264 -3.95 4.82 -21.58
C PRO A 264 -4.04 3.30 -21.76
N ALA A 265 -4.06 2.86 -23.02
CA ALA A 265 -4.17 1.42 -23.31
C ALA A 265 -3.07 0.62 -22.63
N ALA A 266 -1.87 1.20 -22.56
CA ALA A 266 -0.75 0.50 -21.97
C ALA A 266 -1.03 0.17 -20.50
N LEU A 267 -1.66 1.10 -19.79
CA LEU A 267 -1.94 0.89 -18.37
C LEU A 267 -3.11 -0.05 -18.16
N TYR A 268 -4.14 0.06 -19.01
CA TYR A 268 -5.24 -0.90 -18.91
C TYR A 268 -4.76 -2.30 -19.20
N GLN A 269 -3.92 -2.46 -20.24
CA GLN A 269 -3.38 -3.78 -20.51
C GLN A 269 -2.56 -4.31 -19.34
N LEU A 270 -1.81 -3.43 -18.65
CA LEU A 270 -1.05 -3.86 -17.48
C LEU A 270 -1.99 -4.39 -16.38
N MET A 271 -3.13 -3.74 -16.19
CA MET A 271 -4.14 -4.26 -15.26
C MET A 271 -4.56 -5.67 -15.65
N LEU A 272 -4.91 -5.83 -16.93
CA LEU A 272 -5.39 -7.14 -17.40
C LEU A 272 -4.32 -8.21 -17.22
N ASP A 273 -3.05 -7.84 -17.40
CA ASP A 273 -1.95 -8.78 -17.22
C ASP A 273 -1.82 -9.17 -15.75
N CYS A 274 -1.96 -8.20 -14.86
CA CYS A 274 -1.93 -8.49 -13.43
C CYS A 274 -3.10 -9.37 -13.00
N TRP A 275 -4.20 -9.32 -13.76
CA TRP A 275 -5.40 -10.07 -13.46
C TRP A 275 -5.57 -11.36 -14.25
N GLN A 276 -4.47 -11.92 -14.75
CA GLN A 276 -4.59 -13.20 -15.46
C GLN A 276 -5.11 -14.26 -14.50
N LYS A 277 -6.03 -15.11 -14.98
CA LYS A 277 -6.57 -16.18 -14.14
C LYS A 277 -5.46 -17.11 -13.67
N ASP A 278 -4.56 -17.45 -14.58
CA ASP A 278 -3.41 -18.29 -14.23
C ASP A 278 -2.31 -17.43 -13.61
N ARG A 279 -2.09 -17.60 -12.31
CA ARG A 279 -1.09 -16.79 -11.60
C ARG A 279 0.32 -16.84 -12.21
N ASN A 280 0.68 -17.97 -12.81
CA ASN A 280 2.00 -18.08 -13.44
C ASN A 280 2.14 -17.18 -14.67
N ASN A 281 1.02 -16.70 -15.20
CA ASN A 281 1.05 -15.78 -16.34
C ASN A 281 1.10 -14.29 -15.97
N ARG A 282 0.98 -13.97 -14.68
CA ARG A 282 1.06 -12.58 -14.23
C ARG A 282 2.51 -12.14 -14.28
N PRO A 283 2.74 -10.84 -14.58
CA PRO A 283 4.13 -10.36 -14.54
C PRO A 283 4.69 -10.39 -13.11
N LYS A 284 6.01 -10.47 -12.97
CA LYS A 284 6.64 -10.31 -11.67
C LYS A 284 6.78 -8.83 -11.39
N PHE A 285 6.94 -8.48 -10.13
CA PHE A 285 7.07 -7.06 -9.79
C PHE A 285 8.24 -6.39 -10.52
N GLU A 286 9.36 -7.12 -10.70
CA GLU A 286 10.46 -6.56 -11.47
C GLU A 286 10.06 -6.15 -12.88
N GLN A 287 9.20 -6.94 -13.51
CA GLN A 287 8.77 -6.66 -14.87
C GLN A 287 7.81 -5.47 -14.86
N ILE A 288 6.99 -5.38 -13.82
CA ILE A 288 6.08 -4.24 -13.67
C ILE A 288 6.87 -2.95 -13.52
N VAL A 289 7.92 -2.98 -12.69
CA VAL A 289 8.77 -1.80 -12.53
C VAL A 289 9.38 -1.41 -13.87
N SER A 290 9.89 -2.39 -14.61
CA SER A 290 10.48 -2.12 -15.93
C SER A 290 9.47 -1.53 -16.91
N ILE A 291 8.26 -2.07 -16.91
CA ILE A 291 7.20 -1.55 -17.76
C ILE A 291 6.89 -0.09 -17.47
N LEU A 292 6.85 0.27 -16.20
CA LEU A 292 6.50 1.63 -15.83
C LEU A 292 7.68 2.56 -16.07
N ASP A 293 8.89 2.05 -15.90
CA ASP A 293 10.09 2.85 -16.19
C ASP A 293 10.11 3.25 -17.65
N LYS A 294 9.59 2.40 -18.53
CA LYS A 294 9.51 2.73 -19.94
C LYS A 294 8.43 3.77 -20.24
N LEU A 295 7.27 3.67 -19.60
CA LEU A 295 6.18 4.62 -19.85
C LEU A 295 6.54 6.00 -19.31
N ILE A 296 7.32 6.02 -18.24
CA ILE A 296 7.79 7.28 -17.66
C ILE A 296 8.78 7.95 -18.62
N ARG A 297 9.40 7.12 -19.44
CA ARG A 297 10.54 7.48 -20.28
C ARG A 297 10.11 8.10 -21.61
N ASN A 298 8.90 7.77 -22.04
CA ASN A 298 8.32 8.32 -23.25
C ASN A 298 6.79 8.35 -23.10
N PRO A 299 6.28 9.48 -22.59
CA PRO A 299 4.84 9.76 -22.39
C PRO A 299 4.09 9.80 -23.71
N GLY A 300 4.86 9.78 -24.81
CA GLY A 300 4.31 9.57 -26.14
C GLY A 300 4.14 8.09 -26.42
N SER A 301 3.97 7.31 -25.36
CA SER A 301 3.48 5.94 -25.46
C SER A 301 2.04 5.93 -24.96
N LEU A 302 1.75 6.87 -24.08
CA LEU A 302 0.48 6.92 -23.38
C LEU A 302 -0.63 7.61 -24.16
N LYS A 303 -0.39 7.86 -25.44
CA LYS A 303 -1.33 8.60 -26.27
C LYS A 303 -2.51 7.74 -26.72
N ILE A 304 -2.28 6.45 -26.89
CA ILE A 304 -3.35 5.51 -27.22
C ILE A 304 -4.21 5.32 -25.98
N ILE A 305 -5.49 5.70 -26.08
CA ILE A 305 -6.41 5.67 -24.95
C ILE A 305 -7.44 4.56 -25.12
N THR A 306 -7.81 3.89 -24.03
CA THR A 306 -8.91 2.93 -24.03
C THR A 306 -10.18 3.53 -23.42
N PRO A 312 -22.16 -4.41 -22.83
CA PRO A 312 -23.44 -4.87 -22.28
C PRO A 312 -23.40 -5.06 -20.75
N SER A 313 -22.23 -4.95 -20.15
CA SER A 313 -22.12 -5.03 -18.68
C SER A 313 -21.12 -4.02 -18.09
N ASN A 314 -21.27 -3.73 -16.80
CA ASN A 314 -20.34 -2.84 -16.09
C ASN A 314 -18.94 -3.41 -16.18
N LEU A 315 -18.82 -4.66 -15.74
CA LEU A 315 -17.56 -5.38 -15.84
C LEU A 315 -17.40 -5.90 -17.26
N LEU A 316 -16.16 -6.12 -17.67
CA LEU A 316 -15.86 -6.53 -19.03
C LEU A 316 -15.44 -7.99 -19.12
N LEU A 317 -15.96 -8.70 -20.13
CA LEU A 317 -15.54 -10.07 -20.39
C LEU A 317 -14.66 -10.08 -21.63
#